data_8YBP
#
_entry.id   8YBP
#
_cell.length_a   48.934
_cell.length_b   98.159
_cell.length_c   115.204
_cell.angle_alpha   90.00
_cell.angle_beta   90.00
_cell.angle_gamma   90.00
#
_symmetry.space_group_name_H-M   'P 21 21 21'
#
loop_
_entity.id
_entity.type
_entity.pdbx_description
1 polymer 'Enterotoxin type B'
2 polymer 'nanobody SEB-Nb20'
3 water water
#
loop_
_entity_poly.entity_id
_entity_poly.type
_entity_poly.pdbx_seq_one_letter_code
_entity_poly.pdbx_strand_id
1 'polypeptide(L)'
;MESQPDPKPDELHKSSKFTGLMENMKVLYDDNHVSAINVKSIDQFLYFDLIYSIKDTKLGNYDNVRVEFKNKDLADKYKD
KYVDVFGANYYYQCYFSKKTNDINSHQTDKRKTCMYGGVTEHNGNQLDKYRSITVRVFEDGKNLLSFDVQTNKKKVTAQE
LDYLTRHYLVKNKKLYEFNNSPYETGYIKFIENENSFWYDMMPAPGDKFDQSKYLMMYNDNKMVDSKDVKIEVYLTTKKK
;
A
2 'polypeptide(L)'
;QVQLVESGGGSVQAGGSLRLSCAASGSTVSAYYMAWFRQAPGKGREGVAVIGGSGVYADAVKGRFTISQDNAKNTLYLQM
NSLKPEDTAMYYCAAYWKGYKYHPKFDDSAYEYWGQGTQVTVSS
;
B
#
# COMPACT_ATOMS: atom_id res chain seq x y z
N GLU A 2 -8.69 -31.42 4.52
CA GLU A 2 -8.19 -31.49 3.15
C GLU A 2 -7.29 -30.30 2.85
N SER A 3 -6.30 -30.55 1.98
CA SER A 3 -5.19 -29.64 1.71
C SER A 3 -5.38 -28.97 0.36
N GLN A 4 -5.20 -27.64 0.32
CA GLN A 4 -5.43 -26.83 -0.86
C GLN A 4 -4.43 -27.16 -1.97
N PRO A 5 -4.87 -27.64 -3.17
CA PRO A 5 -3.93 -27.96 -4.23
C PRO A 5 -3.15 -26.72 -4.68
N ASP A 6 -1.93 -26.93 -5.17
CA ASP A 6 -1.02 -25.84 -5.45
C ASP A 6 -1.43 -25.10 -6.72
N PRO A 7 -0.91 -23.87 -6.96
CA PRO A 7 -1.35 -23.04 -8.08
C PRO A 7 -1.26 -23.73 -9.43
N LYS A 8 -2.38 -23.79 -10.13
CA LYS A 8 -2.44 -24.35 -11.47
C LYS A 8 -1.70 -23.48 -12.49
N PRO A 9 -1.43 -23.99 -13.71
CA PRO A 9 -0.95 -23.15 -14.81
C PRO A 9 -1.81 -21.90 -15.02
N ASP A 10 -1.17 -20.73 -14.90
CA ASP A 10 -1.81 -19.44 -15.16
C ASP A 10 -2.89 -19.07 -14.14
N GLU A 11 -2.88 -19.72 -12.98
CA GLU A 11 -3.78 -19.35 -11.91
C GLU A 11 -3.23 -18.13 -11.18
N LEU A 12 -1.91 -17.95 -11.22
CA LEU A 12 -1.26 -16.86 -10.49
C LEU A 12 -1.37 -15.53 -11.22
N HIS A 13 -1.67 -14.46 -10.46
CA HIS A 13 -1.62 -13.11 -11.00
C HIS A 13 -0.21 -12.77 -11.47
N LYS A 14 -0.14 -12.15 -12.65
CA LYS A 14 1.10 -11.69 -13.24
C LYS A 14 1.24 -10.19 -13.04
N SER A 15 2.34 -9.77 -12.40
CA SER A 15 2.57 -8.37 -12.08
C SER A 15 2.67 -7.48 -13.31
N SER A 16 3.10 -8.08 -14.42
CA SER A 16 3.15 -7.39 -15.69
C SER A 16 1.76 -7.01 -16.20
N LYS A 17 0.71 -7.68 -15.71
CA LYS A 17 -0.65 -7.35 -16.11
C LYS A 17 -1.34 -6.38 -15.15
N PHE A 18 -0.61 -5.94 -14.12
CA PHE A 18 -1.04 -4.86 -13.25
C PHE A 18 -0.30 -3.60 -13.69
N THR A 19 -1.04 -2.56 -14.07
CA THR A 19 -0.45 -1.34 -14.62
C THR A 19 -0.57 -0.13 -13.71
N GLY A 20 -1.20 -0.30 -12.54
CA GLY A 20 -1.24 0.75 -11.53
C GLY A 20 0.05 0.73 -10.70
N LEU A 21 0.07 1.54 -9.64
CA LEU A 21 1.25 1.68 -8.83
C LEU A 21 1.28 0.55 -7.81
N MET A 22 2.37 -0.24 -7.85
CA MET A 22 2.60 -1.30 -6.89
C MET A 22 2.79 -0.70 -5.49
N GLU A 23 3.08 0.59 -5.40
CA GLU A 23 3.09 1.28 -4.13
C GLU A 23 1.91 0.91 -3.24
N ASN A 24 0.72 0.71 -3.84
CA ASN A 24 -0.47 0.41 -3.06
C ASN A 24 -0.50 -0.98 -2.42
N MET A 25 0.27 -1.91 -3.00
CA MET A 25 0.50 -3.21 -2.38
C MET A 25 1.63 -3.09 -1.36
N LYS A 26 2.71 -2.39 -1.74
CA LYS A 26 3.88 -2.22 -0.89
C LYS A 26 3.58 -1.67 0.50
N VAL A 27 2.74 -0.61 0.59
CA VAL A 27 2.42 -0.01 1.88
C VAL A 27 1.62 -0.93 2.81
N LEU A 28 1.07 -2.01 2.29
CA LEU A 28 0.44 -3.01 3.16
C LEU A 28 1.48 -3.91 3.87
N TYR A 29 2.66 -4.09 3.29
CA TYR A 29 3.69 -5.04 3.82
C TYR A 29 4.97 -4.31 4.22
N ASP A 30 4.94 -3.01 4.33
CA ASP A 30 6.04 -2.15 4.84
C ASP A 30 5.89 -2.07 6.36
N ASP A 31 6.64 -1.21 7.03
CA ASP A 31 6.68 -1.21 8.52
C ASP A 31 5.31 -0.91 9.15
N ASN A 32 4.53 0.02 8.61
CA ASN A 32 3.18 0.34 9.15
C ASN A 32 2.27 -0.88 9.14
N HIS A 33 1.72 -1.23 10.31
CA HIS A 33 0.78 -2.34 10.43
C HIS A 33 0.05 -2.17 11.76
N VAL A 34 -1.04 -2.92 11.94
CA VAL A 34 -1.73 -2.90 13.22
C VAL A 34 -1.13 -4.00 14.08
N SER A 35 -0.78 -3.64 15.31
CA SER A 35 -0.41 -4.59 16.34
C SER A 35 -0.88 -4.08 17.71
N ALA A 36 -1.90 -4.72 18.29
CA ALA A 36 -2.31 -4.37 19.64
C ALA A 36 -2.37 -5.63 20.51
N ILE A 37 -1.89 -5.49 21.75
CA ILE A 37 -1.79 -6.58 22.70
C ILE A 37 -2.80 -6.37 23.83
N ASN A 38 -3.63 -7.39 24.06
CA ASN A 38 -4.49 -7.49 25.22
C ASN A 38 -5.54 -6.39 25.29
N VAL A 39 -6.32 -6.26 24.20
CA VAL A 39 -7.39 -5.28 24.07
C VAL A 39 -8.72 -6.02 23.89
N LYS A 40 -9.82 -5.33 24.21
CA LYS A 40 -11.16 -5.90 24.05
C LYS A 40 -11.97 -4.93 23.20
N SER A 41 -12.83 -5.46 22.34
CA SER A 41 -13.57 -4.66 21.39
C SER A 41 -14.49 -3.68 22.12
N ILE A 42 -14.57 -2.45 21.62
CA ILE A 42 -15.39 -1.41 22.23
C ILE A 42 -16.76 -1.26 21.57
N ASP A 43 -16.97 -1.96 20.46
CA ASP A 43 -18.23 -1.88 19.73
C ASP A 43 -18.22 -2.96 18.66
N GLN A 44 -19.42 -3.41 18.30
CA GLN A 44 -19.61 -4.18 17.07
C GLN A 44 -20.07 -3.21 15.98
N PHE A 45 -19.92 -3.66 14.74
CA PHE A 45 -20.33 -2.91 13.57
C PHE A 45 -20.94 -3.94 12.62
N LEU A 46 -22.11 -3.64 12.07
CA LEU A 46 -22.86 -4.59 11.26
C LEU A 46 -22.90 -5.94 11.98
N TYR A 47 -22.75 -7.05 11.25
CA TYR A 47 -22.81 -8.37 11.87
C TYR A 47 -21.45 -9.01 12.10
N PHE A 48 -20.51 -8.78 11.18
CA PHE A 48 -19.27 -9.52 11.12
C PHE A 48 -18.07 -8.75 11.68
N ASP A 49 -18.29 -7.53 12.20
CA ASP A 49 -17.20 -6.63 12.51
C ASP A 49 -17.09 -6.20 13.97
N LEU A 50 -15.84 -6.01 14.43
CA LEU A 50 -15.55 -5.49 15.76
C LEU A 50 -14.72 -4.21 15.62
N ILE A 51 -15.00 -3.21 16.48
CA ILE A 51 -14.21 -2.00 16.55
C ILE A 51 -13.32 -2.04 17.78
N TYR A 52 -12.00 -1.86 17.58
CA TYR A 52 -11.04 -1.72 18.65
C TYR A 52 -10.48 -0.29 18.75
N SER A 53 -10.21 0.14 19.98
CA SER A 53 -9.42 1.33 20.25
C SER A 53 -7.97 0.94 20.56
N ILE A 54 -7.03 1.41 19.73
CA ILE A 54 -5.63 1.09 19.91
C ILE A 54 -4.83 2.38 19.91
N LYS A 55 -3.65 2.33 20.54
CA LYS A 55 -2.78 3.49 20.64
C LYS A 55 -2.21 3.79 19.25
N ASP A 56 -2.12 5.08 18.93
CA ASP A 56 -1.60 5.56 17.66
C ASP A 56 -0.09 5.77 17.74
N THR A 57 0.36 6.35 18.87
CA THR A 57 1.77 6.50 19.20
C THR A 57 2.39 7.64 18.40
N LYS A 58 2.13 7.67 17.08
CA LYS A 58 2.65 8.67 16.17
C LYS A 58 1.93 10.04 16.24
N GLY A 60 -0.76 11.32 17.82
CA GLY A 60 -1.65 11.45 18.97
C GLY A 60 -1.93 10.11 19.63
N ASN A 61 -3.04 10.00 20.38
CA ASN A 61 -3.26 8.89 21.30
C ASN A 61 -4.04 7.68 20.75
N TYR A 62 -5.33 7.81 20.44
CA TYR A 62 -6.11 6.61 20.13
C TYR A 62 -6.81 6.57 18.77
N ASP A 63 -6.58 5.48 18.02
CA ASP A 63 -7.28 5.24 16.76
C ASP A 63 -8.36 4.19 16.97
N ASN A 64 -9.31 4.16 16.02
CA ASN A 64 -10.27 3.08 15.94
C ASN A 64 -9.97 2.20 14.72
N VAL A 65 -9.90 0.89 14.99
CA VAL A 65 -9.73 -0.13 13.96
C VAL A 65 -11.02 -0.93 13.81
N ARG A 66 -11.48 -1.01 12.56
CA ARG A 66 -12.64 -1.86 12.23
C ARG A 66 -12.10 -3.20 11.72
N VAL A 67 -12.15 -4.22 12.55
CA VAL A 67 -11.78 -5.58 12.18
C VAL A 67 -13.00 -6.32 11.63
N GLU A 68 -12.89 -6.84 10.42
CA GLU A 68 -13.98 -7.52 9.76
C GLU A 68 -13.63 -9.00 9.57
N PHE A 69 -14.56 -9.86 9.99
CA PHE A 69 -14.44 -11.29 9.82
C PHE A 69 -15.36 -11.71 8.70
N LYS A 70 -15.32 -12.99 8.35
CA LYS A 70 -16.14 -13.47 7.25
C LYS A 70 -17.54 -13.93 7.64
N ASN A 71 -17.84 -13.96 8.95
CA ASN A 71 -19.16 -14.36 9.41
C ASN A 71 -19.39 -13.90 10.84
N LYS A 72 -20.64 -14.04 11.32
CA LYS A 72 -21.01 -13.59 12.65
C LYS A 72 -20.42 -14.43 13.77
N ASP A 73 -20.18 -15.72 13.53
CA ASP A 73 -19.64 -16.61 14.55
C ASP A 73 -18.27 -16.12 15.02
N LEU A 74 -17.45 -15.66 14.09
CA LEU A 74 -16.15 -15.11 14.43
C LEU A 74 -16.29 -13.84 15.25
N ALA A 75 -17.14 -12.91 14.82
CA ALA A 75 -17.32 -11.66 15.57
C ALA A 75 -17.91 -11.93 16.95
N ASP A 76 -18.88 -12.84 17.05
CA ASP A 76 -19.46 -13.21 18.32
C ASP A 76 -18.42 -13.83 19.25
N LYS A 77 -17.58 -14.72 18.73
CA LYS A 77 -16.52 -15.34 19.51
C LYS A 77 -15.64 -14.33 20.26
N TYR A 78 -15.16 -13.31 19.55
CA TYR A 78 -14.13 -12.42 20.09
C TYR A 78 -14.64 -11.11 20.69
N LYS A 79 -15.95 -10.86 20.51
CA LYS A 79 -16.62 -9.66 20.95
C LYS A 79 -16.23 -9.26 22.37
N ASP A 80 -16.36 -10.20 23.31
CA ASP A 80 -16.09 -9.94 24.71
C ASP A 80 -14.84 -10.64 25.26
N LYS A 81 -13.83 -10.83 24.41
CA LYS A 81 -12.58 -11.43 24.85
C LYS A 81 -11.42 -10.45 24.76
N TYR A 82 -10.43 -10.68 25.63
CA TYR A 82 -9.14 -10.03 25.53
C TYR A 82 -8.35 -10.74 24.44
N VAL A 83 -7.94 -9.97 23.42
CA VAL A 83 -7.30 -10.51 22.23
C VAL A 83 -6.05 -9.73 21.90
N ASP A 84 -5.24 -10.33 21.01
CA ASP A 84 -4.16 -9.65 20.30
C ASP A 84 -4.65 -9.43 18.88
N VAL A 85 -4.37 -8.25 18.32
CA VAL A 85 -4.75 -7.88 16.96
C VAL A 85 -3.48 -7.63 16.15
N PHE A 86 -3.34 -8.29 15.00
CA PHE A 86 -2.19 -8.07 14.15
C PHE A 86 -2.61 -8.13 12.69
N GLY A 87 -2.28 -7.09 11.91
CA GLY A 87 -2.58 -7.17 10.50
C GLY A 87 -2.28 -5.94 9.66
N ALA A 88 -2.53 -6.10 8.35
CA ALA A 88 -2.35 -5.04 7.38
C ALA A 88 -3.62 -4.21 7.31
N ASN A 89 -3.48 -2.92 7.64
CA ASN A 89 -4.62 -2.02 7.71
C ASN A 89 -4.61 -1.05 6.54
N TYR A 90 -5.80 -0.53 6.18
CA TYR A 90 -5.93 0.51 5.18
C TYR A 90 -6.85 1.64 5.64
N TYR A 91 -6.84 2.73 4.86
CA TYR A 91 -7.56 3.95 5.19
C TYR A 91 -8.49 4.42 4.08
N TYR A 92 -8.06 4.25 2.82
CA TYR A 92 -8.81 4.76 1.70
C TYR A 92 -10.04 3.89 1.50
N GLN A 93 -11.21 4.53 1.44
CA GLN A 93 -12.49 3.84 1.34
C GLN A 93 -12.69 2.88 2.51
N CYS A 94 -12.19 3.30 3.68
CA CYS A 94 -12.45 2.65 4.95
C CYS A 94 -13.61 3.40 5.60
N TYR A 95 -14.79 2.75 5.62
CA TYR A 95 -16.03 3.35 6.12
C TYR A 95 -16.61 2.53 7.26
N PHE A 96 -16.98 3.20 8.36
CA PHE A 96 -17.65 2.54 9.46
C PHE A 96 -18.01 3.58 10.51
N SER A 97 -18.92 3.23 11.42
CA SER A 97 -19.15 4.05 12.60
C SER A 97 -19.41 3.14 13.80
N LYS A 98 -19.40 3.74 15.00
CA LYS A 98 -19.51 3.00 16.24
C LYS A 98 -20.96 2.69 16.62
N LYS A 99 -21.93 3.18 15.83
CA LYS A 99 -23.31 2.75 15.87
C LYS A 99 -23.94 2.85 14.49
N SER A 105 -20.00 6.36 2.15
CA SER A 105 -18.92 7.20 1.59
C SER A 105 -18.68 8.37 2.53
N HIS A 106 -17.59 8.34 3.27
CA HIS A 106 -17.31 9.35 4.31
C HIS A 106 -15.84 9.76 4.18
N GLN A 107 -15.50 10.93 4.67
CA GLN A 107 -14.09 11.41 4.67
C GLN A 107 -13.05 10.37 5.11
N THR A 108 -11.86 10.44 4.53
CA THR A 108 -10.71 9.62 4.91
C THR A 108 -10.25 10.22 6.25
N ASP A 109 -10.17 9.37 7.28
CA ASP A 109 -9.87 9.81 8.64
C ASP A 109 -8.67 9.02 9.15
N LYS A 110 -7.63 9.76 9.54
CA LYS A 110 -6.38 9.23 10.02
C LYS A 110 -6.53 8.43 11.31
N ARG A 111 -7.58 8.72 12.09
CA ARG A 111 -7.85 7.99 13.31
C ARG A 111 -8.82 6.82 13.12
N LYS A 112 -9.07 6.44 11.87
CA LYS A 112 -9.97 5.35 11.53
C LYS A 112 -9.42 4.47 10.42
N THR A 113 -9.25 3.18 10.72
CA THR A 113 -8.59 2.29 9.80
C THR A 113 -9.32 0.95 9.83
N CYS A 114 -9.11 0.18 8.76
CA CYS A 114 -9.81 -1.07 8.54
C CYS A 114 -8.81 -2.19 8.34
N MET A 115 -9.28 -3.41 8.65
CA MET A 115 -8.51 -4.60 8.37
C MET A 115 -9.49 -5.76 8.43
N TYR A 116 -8.95 -6.95 8.12
CA TYR A 116 -9.66 -8.22 8.21
C TYR A 116 -8.92 -9.19 9.12
N GLY A 117 -9.68 -9.99 9.89
CA GLY A 117 -9.12 -11.05 10.71
C GLY A 117 -8.04 -10.53 11.66
N GLY A 118 -6.96 -11.31 11.81
CA GLY A 118 -5.81 -10.90 12.60
C GLY A 118 -5.99 -10.91 14.11
N VAL A 119 -6.99 -11.65 14.60
CA VAL A 119 -7.35 -11.68 16.00
C VAL A 119 -7.09 -13.06 16.61
N THR A 120 -6.40 -13.05 17.75
CA THR A 120 -6.14 -14.25 18.54
C THR A 120 -6.41 -13.99 20.03
N GLU A 121 -7.03 -14.95 20.72
CA GLU A 121 -7.14 -14.90 22.17
C GLU A 121 -5.78 -14.53 22.77
N HIS A 122 -5.78 -13.67 23.79
CA HIS A 122 -4.55 -13.28 24.45
C HIS A 122 -4.18 -14.28 25.55
N ASN A 123 -5.11 -14.48 26.48
CA ASN A 123 -4.84 -15.32 27.63
C ASN A 123 -4.56 -16.75 27.18
N GLY A 124 -3.42 -17.28 27.66
CA GLY A 124 -3.00 -18.64 27.37
C GLY A 124 -2.26 -18.85 26.06
N ASN A 125 -2.04 -17.76 25.30
CA ASN A 125 -1.48 -17.88 23.95
C ASN A 125 -0.03 -17.39 23.88
N GLN A 126 0.49 -16.95 25.02
CA GLN A 126 1.80 -16.32 25.11
C GLN A 126 2.88 -17.37 25.36
N LEU A 127 3.97 -17.31 24.57
CA LEU A 127 5.13 -18.15 24.81
C LEU A 127 6.11 -17.40 25.72
N ASP A 128 6.91 -18.16 26.47
CA ASP A 128 8.02 -17.58 27.21
C ASP A 128 8.97 -16.88 26.24
N LYS A 129 9.49 -17.65 25.27
CA LYS A 129 10.47 -17.16 24.32
C LYS A 129 9.76 -16.80 23.01
N TYR A 130 10.36 -15.91 22.23
CA TYR A 130 9.99 -15.77 20.82
C TYR A 130 10.41 -17.04 20.10
N ARG A 131 9.58 -17.47 19.15
CA ARG A 131 9.84 -18.69 18.40
C ARG A 131 10.10 -18.36 16.94
N SER A 132 11.09 -19.03 16.35
CA SER A 132 11.48 -18.82 14.98
C SER A 132 10.79 -19.84 14.08
N ILE A 133 10.37 -19.37 12.90
CA ILE A 133 9.69 -20.19 11.92
C ILE A 133 10.44 -19.93 10.62
N THR A 134 10.95 -21.00 10.01
CA THR A 134 11.89 -20.82 8.92
C THR A 134 11.06 -20.66 7.65
N VAL A 135 11.55 -19.80 6.77
CA VAL A 135 10.96 -19.52 5.48
C VAL A 135 11.97 -19.95 4.41
N ARG A 136 11.53 -20.83 3.51
CA ARG A 136 12.34 -21.19 2.35
C ARG A 136 11.79 -20.45 1.11
N VAL A 137 12.63 -19.60 0.50
CA VAL A 137 12.27 -18.90 -0.72
C VAL A 137 12.82 -19.60 -1.96
N PHE A 138 11.95 -19.82 -2.95
CA PHE A 138 12.36 -20.32 -4.24
C PHE A 138 12.20 -19.20 -5.28
N GLU A 139 13.31 -18.88 -5.95
CA GLU A 139 13.30 -18.01 -7.12
C GLU A 139 13.47 -18.90 -8.35
N ASP A 140 12.45 -18.91 -9.22
CA ASP A 140 12.44 -19.79 -10.37
C ASP A 140 12.81 -21.21 -9.96
N GLY A 141 12.17 -21.68 -8.87
CA GLY A 141 12.32 -23.04 -8.39
C GLY A 141 13.62 -23.37 -7.65
N LYS A 142 14.51 -22.38 -7.46
CA LYS A 142 15.75 -22.57 -6.71
C LYS A 142 15.68 -21.90 -5.34
N ASN A 143 16.11 -22.64 -4.31
CA ASN A 143 16.09 -22.13 -2.95
C ASN A 143 17.44 -21.47 -2.63
N LEU A 144 17.58 -20.21 -2.99
CA LEU A 144 18.79 -19.44 -2.72
C LEU A 144 18.76 -18.75 -1.37
N LEU A 145 17.56 -18.52 -0.83
CA LEU A 145 17.41 -17.69 0.36
C LEU A 145 16.51 -18.40 1.37
N SER A 146 16.98 -18.45 2.61
CA SER A 146 16.23 -19.05 3.71
C SER A 146 16.41 -18.13 4.92
N PHE A 147 15.30 -17.82 5.59
CA PHE A 147 15.36 -16.96 6.77
C PHE A 147 14.29 -17.45 7.73
N ASP A 148 14.00 -16.67 8.77
CA ASP A 148 12.91 -17.02 9.67
C ASP A 148 12.15 -15.77 10.11
N VAL A 149 10.89 -15.96 10.50
CA VAL A 149 10.09 -14.92 11.10
C VAL A 149 9.82 -15.38 12.52
N GLN A 150 9.57 -14.42 13.41
CA GLN A 150 9.39 -14.72 14.81
C GLN A 150 8.00 -14.34 15.33
N THR A 151 7.48 -15.15 16.26
CA THR A 151 6.24 -14.83 16.92
C THR A 151 6.26 -15.27 18.38
N ASN A 152 5.36 -14.65 19.14
CA ASN A 152 5.15 -14.85 20.56
C ASN A 152 4.03 -15.82 20.91
N LYS A 153 3.39 -16.36 19.87
CA LYS A 153 2.07 -16.94 19.99
C LYS A 153 2.07 -18.42 19.64
N LYS A 154 1.49 -19.24 20.53
CA LYS A 154 1.23 -20.63 20.23
C LYS A 154 0.41 -20.70 18.95
N LYS A 155 -0.73 -19.99 18.96
CA LYS A 155 -1.66 -19.91 17.84
C LYS A 155 -1.47 -18.57 17.17
N VAL A 156 -1.16 -18.57 15.87
CA VAL A 156 -0.87 -17.34 15.17
C VAL A 156 -1.63 -17.33 13.84
N THR A 157 -2.12 -16.13 13.47
CA THR A 157 -2.83 -15.96 12.22
C THR A 157 -1.82 -16.06 11.09
N ALA A 158 -2.20 -16.81 10.06
CA ALA A 158 -1.47 -16.81 8.81
C ALA A 158 -1.20 -15.38 8.34
N GLN A 159 -2.13 -14.46 8.59
CA GLN A 159 -1.95 -13.07 8.21
C GLN A 159 -0.68 -12.46 8.80
N GLU A 160 -0.51 -12.57 10.12
CA GLU A 160 0.72 -12.11 10.77
C GLU A 160 2.00 -12.69 10.14
N LEU A 161 2.00 -14.01 9.94
CA LEU A 161 3.17 -14.66 9.36
C LEU A 161 3.41 -14.19 7.93
N ASP A 162 2.31 -14.07 7.16
CA ASP A 162 2.37 -13.53 5.82
C ASP A 162 2.99 -12.15 5.87
N TYR A 163 2.49 -11.30 6.78
CA TYR A 163 2.98 -9.94 6.87
C TYR A 163 4.48 -9.92 7.13
N LEU A 164 4.91 -10.66 8.16
CA LEU A 164 6.32 -10.69 8.53
C LEU A 164 7.21 -11.20 7.40
N THR A 165 6.71 -12.19 6.65
CA THR A 165 7.49 -12.80 5.59
C THR A 165 7.72 -11.77 4.49
N ARG A 166 6.62 -11.16 4.02
CA ARG A 166 6.67 -10.19 2.94
C ARG A 166 7.47 -8.97 3.37
N HIS A 167 7.32 -8.58 4.64
CA HIS A 167 8.07 -7.44 5.13
C HIS A 167 9.56 -7.62 4.90
N TYR A 168 10.09 -8.80 5.24
CA TYR A 168 11.48 -9.13 4.97
C TYR A 168 11.78 -9.10 3.48
N LEU A 169 10.90 -9.71 2.67
CA LEU A 169 11.13 -9.74 1.24
C LEU A 169 11.06 -8.35 0.60
N VAL A 170 10.26 -7.44 1.20
CA VAL A 170 10.22 -6.07 0.73
C VAL A 170 11.58 -5.46 1.01
N LYS A 171 12.01 -5.49 2.27
CA LYS A 171 13.26 -4.85 2.65
C LYS A 171 14.49 -5.40 1.94
N ASN A 172 14.52 -6.72 1.70
CA ASN A 172 15.75 -7.39 1.28
C ASN A 172 15.79 -7.87 -0.16
N LYS A 173 14.62 -8.13 -0.76
CA LYS A 173 14.52 -8.53 -2.15
C LYS A 173 13.69 -7.60 -3.03
N LYS A 174 13.29 -6.43 -2.50
CA LYS A 174 12.48 -5.48 -3.24
C LYS A 174 11.24 -6.10 -3.89
N LEU A 175 10.53 -6.95 -3.12
CA LEU A 175 9.39 -7.70 -3.61
C LEU A 175 8.33 -6.78 -4.25
N TYR A 176 8.00 -5.70 -3.54
CA TYR A 176 7.18 -4.64 -4.09
C TYR A 176 7.99 -3.35 -4.13
N GLU A 177 7.91 -2.62 -5.24
CA GLU A 177 8.51 -1.30 -5.36
C GLU A 177 7.38 -0.31 -5.67
N PHE A 178 7.75 0.98 -5.79
CA PHE A 178 6.82 2.05 -6.05
C PHE A 178 5.97 1.79 -7.29
N ASN A 179 6.60 1.40 -8.39
CA ASN A 179 5.84 1.23 -9.66
C ASN A 179 5.46 -0.24 -9.87
N ASN A 180 6.45 -1.12 -9.96
CA ASN A 180 6.21 -2.56 -10.26
C ASN A 180 7.20 -3.47 -9.50
N SER A 181 6.90 -4.74 -9.39
CA SER A 181 7.84 -5.73 -8.79
C SER A 181 8.85 -6.34 -9.76
N PRO A 182 10.07 -6.66 -9.32
CA PRO A 182 11.01 -7.49 -10.10
C PRO A 182 10.55 -8.94 -10.27
N TYR A 183 9.51 -9.35 -9.53
CA TYR A 183 8.95 -10.69 -9.69
C TYR A 183 7.67 -10.61 -10.51
N GLU A 184 7.43 -11.65 -11.33
CA GLU A 184 6.28 -11.75 -12.20
C GLU A 184 5.09 -12.39 -11.47
N THR A 185 5.35 -13.52 -10.82
CA THR A 185 4.39 -14.19 -9.97
C THR A 185 5.02 -14.48 -8.61
N GLY A 186 4.18 -14.74 -7.63
CA GLY A 186 4.63 -15.02 -6.28
C GLY A 186 3.48 -15.58 -5.46
N TYR A 187 3.72 -16.71 -4.78
CA TYR A 187 2.77 -17.18 -3.80
C TYR A 187 3.48 -17.62 -2.53
N ILE A 188 2.78 -17.46 -1.41
CA ILE A 188 3.26 -17.90 -0.12
C ILE A 188 2.39 -19.08 0.30
N LYS A 189 3.05 -20.11 0.82
CA LYS A 189 2.46 -21.40 1.09
C LYS A 189 2.80 -21.79 2.52
N PHE A 190 1.77 -22.22 3.28
CA PHE A 190 1.89 -22.57 4.68
C PHE A 190 1.61 -24.06 4.81
N ILE A 191 2.55 -24.79 5.44
CA ILE A 191 2.46 -26.23 5.59
C ILE A 191 2.40 -26.60 7.06
N GLU A 192 1.41 -27.42 7.42
CA GLU A 192 1.26 -27.86 8.79
C GLU A 192 0.82 -29.32 8.76
N ASN A 193 1.73 -30.19 9.20
CA ASN A 193 1.64 -31.62 8.93
C ASN A 193 1.70 -31.80 7.42
N GLU A 194 0.72 -32.50 6.83
CA GLU A 194 0.69 -32.68 5.39
C GLU A 194 -0.53 -31.95 4.82
N ASN A 195 -0.85 -30.81 5.44
CA ASN A 195 -1.93 -29.96 4.98
C ASN A 195 -1.38 -28.56 4.73
N SER A 196 -1.79 -27.95 3.61
CA SER A 196 -1.24 -26.68 3.20
C SER A 196 -2.24 -25.80 2.46
N PHE A 197 -1.96 -24.50 2.45
CA PHE A 197 -2.75 -23.52 1.75
C PHE A 197 -1.83 -22.37 1.36
N TRP A 198 -2.23 -21.60 0.36
CA TRP A 198 -1.39 -20.54 -0.18
C TRP A 198 -2.17 -19.28 -0.53
N TYR A 199 -1.47 -18.15 -0.52
CA TYR A 199 -1.98 -16.87 -1.00
C TYR A 199 -1.16 -16.34 -2.17
N ASP A 200 -1.88 -15.77 -3.15
CA ASP A 200 -1.26 -15.06 -4.25
C ASP A 200 -0.74 -13.73 -3.71
N MET A 201 0.53 -13.44 -4.02
CA MET A 201 1.21 -12.26 -3.52
C MET A 201 1.09 -11.07 -4.46
N MET A 202 0.48 -11.28 -5.63
CA MET A 202 0.43 -10.25 -6.65
C MET A 202 -0.96 -9.66 -6.86
N PRO A 203 -1.06 -8.35 -7.19
CA PRO A 203 -2.36 -7.73 -7.49
C PRO A 203 -3.09 -8.34 -8.68
N ALA A 204 -4.42 -8.22 -8.67
CA ALA A 204 -5.25 -8.62 -9.79
C ALA A 204 -4.93 -7.75 -11.01
N PRO A 205 -5.19 -8.22 -12.25
CA PRO A 205 -4.79 -7.45 -13.43
C PRO A 205 -5.60 -6.16 -13.56
N GLY A 206 -5.11 -5.25 -14.41
CA GLY A 206 -5.77 -3.98 -14.64
C GLY A 206 -4.95 -2.85 -14.03
N ASP A 207 -5.58 -1.68 -13.93
CA ASP A 207 -4.89 -0.46 -13.60
C ASP A 207 -5.20 0.09 -12.21
N LYS A 208 -6.12 -0.55 -11.48
CA LYS A 208 -6.35 -0.18 -10.09
C LYS A 208 -5.98 -1.37 -9.21
N PHE A 209 -5.55 -1.09 -7.98
CA PHE A 209 -5.44 -2.10 -6.95
C PHE A 209 -6.43 -1.76 -5.84
N ASP A 210 -7.38 -2.67 -5.57
CA ASP A 210 -8.31 -2.52 -4.47
C ASP A 210 -7.78 -3.19 -3.20
N GLN A 211 -7.22 -2.37 -2.30
CA GLN A 211 -6.60 -2.87 -1.08
C GLN A 211 -7.58 -3.69 -0.26
N SER A 212 -8.80 -3.17 -0.11
CA SER A 212 -9.84 -3.83 0.64
C SER A 212 -10.12 -5.24 0.13
N LYS A 213 -10.41 -5.33 -1.17
CA LYS A 213 -10.72 -6.60 -1.78
C LYS A 213 -9.58 -7.62 -1.64
N TYR A 214 -8.33 -7.16 -1.75
CA TYR A 214 -7.17 -8.03 -1.65
C TYR A 214 -7.04 -8.59 -0.22
N LEU A 215 -7.13 -7.71 0.78
CA LEU A 215 -6.97 -8.10 2.17
C LEU A 215 -8.10 -8.97 2.72
N MET A 216 -9.26 -8.93 2.05
CA MET A 216 -10.44 -9.68 2.45
C MET A 216 -10.15 -11.16 2.64
N MET A 217 -9.10 -11.67 1.98
CA MET A 217 -8.73 -13.06 2.12
C MET A 217 -8.35 -13.42 3.55
N TYR A 218 -7.90 -12.46 4.35
CA TYR A 218 -7.61 -12.70 5.76
C TYR A 218 -8.84 -12.74 6.68
N ASN A 219 -10.06 -12.58 6.14
CA ASN A 219 -11.22 -12.42 6.99
C ASN A 219 -11.69 -13.72 7.64
N ASP A 220 -11.14 -14.86 7.17
CA ASP A 220 -11.39 -16.14 7.80
C ASP A 220 -10.67 -16.31 9.14
N ASN A 221 -9.78 -15.38 9.49
CA ASN A 221 -9.03 -15.46 10.73
C ASN A 221 -8.22 -16.75 10.87
N LYS A 222 -7.76 -17.27 9.74
CA LYS A 222 -7.08 -18.56 9.68
C LYS A 222 -5.84 -18.57 10.58
N MET A 223 -5.68 -19.63 11.36
CA MET A 223 -4.64 -19.71 12.35
C MET A 223 -3.79 -20.95 12.11
N VAL A 224 -2.53 -20.90 12.57
CA VAL A 224 -1.67 -22.06 12.54
C VAL A 224 -0.95 -22.17 13.88
N ASP A 225 -0.45 -23.38 14.18
CA ASP A 225 0.41 -23.60 15.34
C ASP A 225 1.80 -23.15 14.98
N SER A 226 2.38 -22.26 15.80
CA SER A 226 3.71 -21.75 15.54
C SER A 226 4.81 -22.81 15.68
N LYS A 227 4.56 -23.87 16.45
CA LYS A 227 5.56 -24.92 16.63
C LYS A 227 5.62 -25.88 15.45
N ASP A 228 4.50 -26.04 14.73
CA ASP A 228 4.38 -26.94 13.58
C ASP A 228 4.72 -26.30 12.24
N VAL A 229 4.20 -25.10 12.02
CA VAL A 229 4.10 -24.56 10.67
C VAL A 229 5.45 -24.34 10.00
N LYS A 230 5.48 -24.60 8.69
CA LYS A 230 6.56 -24.24 7.79
C LYS A 230 6.03 -23.27 6.75
N ILE A 231 6.94 -22.45 6.18
CA ILE A 231 6.56 -21.45 5.20
C ILE A 231 7.48 -21.54 3.98
N GLU A 232 6.87 -21.51 2.80
CA GLU A 232 7.58 -21.49 1.54
C GLU A 232 7.06 -20.36 0.67
N VAL A 233 7.96 -19.72 -0.09
CA VAL A 233 7.61 -18.64 -1.01
C VAL A 233 8.18 -19.00 -2.37
N TYR A 234 7.31 -19.11 -3.38
CA TYR A 234 7.72 -19.33 -4.75
C TYR A 234 7.54 -18.05 -5.57
N LEU A 235 8.68 -17.49 -6.02
CA LEU A 235 8.74 -16.33 -6.90
C LEU A 235 9.30 -16.70 -8.28
N THR A 236 8.82 -16.00 -9.32
CA THR A 236 9.38 -16.11 -10.65
C THR A 236 9.82 -14.72 -11.12
N THR A 237 10.86 -14.67 -11.95
CA THR A 237 11.43 -13.40 -12.40
C THR A 237 10.90 -13.03 -13.79
N LYS A 238 11.14 -11.77 -14.18
CA LYS A 238 10.72 -11.23 -15.46
C LYS A 238 11.80 -11.28 -16.53
N GLN B 1 -2.36 22.69 5.82
CA GLN B 1 -1.33 21.73 6.24
C GLN B 1 -0.14 21.75 5.29
N VAL B 2 -0.38 21.66 3.98
CA VAL B 2 0.64 22.06 3.02
C VAL B 2 0.05 23.04 1.99
N GLN B 3 0.74 24.17 1.84
CA GLN B 3 0.36 25.21 0.90
C GLN B 3 1.38 25.23 -0.22
N LEU B 4 0.89 25.24 -1.45
CA LEU B 4 1.70 25.06 -2.65
C LEU B 4 1.62 26.30 -3.54
N VAL B 5 2.79 26.78 -3.99
CA VAL B 5 2.86 27.92 -4.90
C VAL B 5 3.76 27.56 -6.07
N GLU B 6 3.18 27.54 -7.28
CA GLU B 6 3.92 27.26 -8.49
C GLU B 6 4.59 28.53 -9.01
N SER B 7 5.65 28.34 -9.79
CA SER B 7 6.18 29.40 -10.61
C SER B 7 6.94 28.81 -11.80
N GLY B 8 7.38 29.71 -12.71
CA GLY B 8 8.27 29.36 -13.80
C GLY B 8 7.59 29.29 -15.18
N GLY B 9 6.26 29.41 -15.20
CA GLY B 9 5.55 29.39 -16.46
C GLY B 9 6.02 30.51 -17.37
N GLY B 10 5.99 30.25 -18.69
CA GLY B 10 6.29 31.24 -19.71
C GLY B 10 6.04 30.70 -21.10
N SER B 11 6.48 31.45 -22.12
CA SER B 11 6.41 31.00 -23.51
C SER B 11 7.75 30.45 -23.99
N VAL B 12 7.69 29.41 -24.84
CA VAL B 12 8.87 28.71 -25.31
C VAL B 12 8.62 28.26 -26.75
N GLN B 13 9.61 28.46 -27.63
CA GLN B 13 9.53 27.96 -29.00
C GLN B 13 9.75 26.45 -28.96
N ALA B 14 9.02 25.74 -29.83
CA ALA B 14 9.05 24.29 -29.87
C ALA B 14 10.48 23.77 -29.92
N GLY B 15 10.75 22.69 -29.17
CA GLY B 15 12.06 22.08 -29.16
C GLY B 15 12.92 22.53 -27.98
N GLY B 16 12.60 23.69 -27.41
CA GLY B 16 13.26 24.18 -26.23
C GLY B 16 12.76 23.53 -24.95
N SER B 17 13.24 24.06 -23.83
CA SER B 17 13.03 23.47 -22.52
C SER B 17 12.51 24.53 -21.56
N LEU B 18 12.04 24.07 -20.38
CA LEU B 18 11.56 24.95 -19.33
C LEU B 18 11.43 24.17 -18.02
N ARG B 19 11.73 24.83 -16.91
CA ARG B 19 11.62 24.18 -15.62
C ARG B 19 10.59 24.89 -14.74
N LEU B 20 9.59 24.14 -14.28
CA LEU B 20 8.62 24.67 -13.34
C LEU B 20 9.03 24.31 -11.92
N SER B 21 8.65 25.17 -10.98
CA SER B 21 8.90 24.98 -9.57
C SER B 21 7.59 25.02 -8.81
N CYS B 22 7.52 24.24 -7.73
CA CYS B 22 6.44 24.36 -6.75
C CYS B 22 7.04 24.38 -5.35
N ALA B 23 6.97 25.54 -4.68
CA ALA B 23 7.39 25.67 -3.31
C ALA B 23 6.28 25.19 -2.36
N ALA B 24 6.66 24.60 -1.22
CA ALA B 24 5.70 24.10 -0.26
C ALA B 24 6.00 24.70 1.11
N SER B 25 4.94 25.05 1.82
CA SER B 25 5.05 25.63 3.16
C SER B 25 4.10 24.92 4.11
N GLY B 26 4.49 24.84 5.37
CA GLY B 26 3.62 24.35 6.43
C GLY B 26 3.80 22.88 6.78
N SER B 27 4.41 22.13 5.86
CA SER B 27 4.63 20.71 6.04
C SER B 27 5.72 20.30 5.06
N THR B 28 6.47 19.27 5.43
CA THR B 28 7.54 18.76 4.60
C THR B 28 6.89 17.99 3.45
N VAL B 29 7.45 18.17 2.25
CA VAL B 29 6.98 17.46 1.07
C VAL B 29 7.18 15.94 1.17
N SER B 30 8.12 15.52 2.01
CA SER B 30 8.34 14.10 2.26
C SER B 30 7.14 13.42 2.92
N ALA B 31 6.27 14.19 3.59
CA ALA B 31 5.08 13.63 4.20
C ALA B 31 3.92 13.47 3.23
N TYR B 32 4.04 14.02 2.01
CA TYR B 32 2.96 13.96 1.03
C TYR B 32 3.42 13.26 -0.23
N TYR B 33 2.51 12.55 -0.91
CA TYR B 33 2.75 12.08 -2.26
C TYR B 33 2.50 13.24 -3.23
N MET B 34 3.56 13.68 -3.92
CA MET B 34 3.52 14.81 -4.84
C MET B 34 3.35 14.40 -6.30
N ALA B 35 2.66 15.24 -7.08
CA ALA B 35 2.36 14.94 -8.46
C ALA B 35 2.27 16.24 -9.26
N TRP B 36 2.49 16.14 -10.57
CA TRP B 36 2.25 17.23 -11.48
C TRP B 36 1.09 16.81 -12.36
N PHE B 37 0.18 17.76 -12.61
CA PHE B 37 -0.89 17.62 -13.57
C PHE B 37 -0.90 18.81 -14.53
N ARG B 38 -1.66 18.67 -15.62
CA ARG B 38 -1.80 19.75 -16.56
C ARG B 38 -3.19 19.75 -17.18
N GLN B 39 -3.65 20.94 -17.58
CA GLN B 39 -4.98 21.11 -18.13
C GLN B 39 -4.92 22.06 -19.34
N ALA B 40 -4.93 21.44 -20.53
CA ALA B 40 -4.99 22.14 -21.80
C ALA B 40 -6.39 22.66 -22.07
N PRO B 41 -6.55 23.78 -22.81
CA PRO B 41 -7.88 24.30 -23.12
C PRO B 41 -8.66 23.26 -23.94
N GLY B 42 -9.87 22.94 -23.47
CA GLY B 42 -10.71 21.95 -24.15
C GLY B 42 -10.38 20.50 -23.81
N LYS B 43 -9.82 20.27 -22.61
CA LYS B 43 -9.58 18.94 -22.09
C LYS B 43 -9.64 18.92 -20.56
N GLY B 44 -9.82 17.72 -20.00
CA GLY B 44 -9.77 17.53 -18.56
C GLY B 44 -8.34 17.59 -18.02
N ARG B 45 -8.24 17.89 -16.73
CA ARG B 45 -6.98 17.82 -16.00
C ARG B 45 -6.41 16.41 -16.07
N GLU B 46 -5.13 16.28 -16.41
CA GLU B 46 -4.53 14.97 -16.62
C GLU B 46 -3.13 14.89 -16.02
N GLY B 47 -2.73 13.66 -15.68
CA GLY B 47 -1.52 13.39 -14.93
C GLY B 47 -0.26 13.55 -15.78
N VAL B 48 0.78 14.16 -15.20
CA VAL B 48 2.03 14.35 -15.91
C VAL B 48 3.08 13.43 -15.30
N ALA B 49 3.29 13.57 -13.99
CA ALA B 49 4.26 12.76 -13.28
C ALA B 49 3.95 12.68 -11.79
N VAL B 50 4.36 11.56 -11.16
CA VAL B 50 4.35 11.42 -9.71
C VAL B 50 5.73 11.07 -9.19
N ILE B 51 6.05 11.58 -7.99
CA ILE B 51 7.28 11.28 -7.28
C ILE B 51 7.22 9.88 -6.69
N GLY B 52 8.25 9.07 -6.97
CA GLY B 52 8.50 7.80 -6.30
C GLY B 52 9.21 6.86 -7.26
N GLY B 53 10.00 5.92 -6.71
CA GLY B 53 10.92 5.13 -7.51
C GLY B 53 11.82 6.06 -8.33
N SER B 54 12.01 5.78 -9.61
CA SER B 54 12.66 6.73 -10.47
C SER B 54 11.64 7.51 -11.30
N GLY B 55 10.46 7.74 -10.70
CA GLY B 55 9.46 8.62 -11.29
C GLY B 55 8.51 7.88 -12.23
N VAL B 56 7.22 8.20 -12.15
CA VAL B 56 6.25 7.57 -13.01
C VAL B 56 5.60 8.69 -13.83
N TYR B 57 5.61 8.50 -15.15
CA TYR B 57 5.32 9.52 -16.15
C TYR B 57 4.20 9.06 -17.08
N ALA B 58 3.30 9.98 -17.43
CA ALA B 58 2.38 9.76 -18.54
C ALA B 58 3.17 9.45 -19.81
N ASP B 59 2.64 8.54 -20.63
CA ASP B 59 3.24 8.19 -21.91
C ASP B 59 3.60 9.39 -22.78
N ALA B 60 2.74 10.42 -22.73
CA ALA B 60 2.87 11.57 -23.60
C ALA B 60 4.14 12.37 -23.30
N VAL B 61 4.68 12.26 -22.08
CA VAL B 61 5.86 13.01 -21.67
C VAL B 61 7.08 12.14 -21.37
N LYS B 62 6.93 10.82 -21.47
CA LYS B 62 8.04 9.92 -21.21
C LYS B 62 9.24 10.31 -22.04
N GLY B 63 10.42 10.36 -21.41
CA GLY B 63 11.65 10.65 -22.11
C GLY B 63 11.94 12.13 -22.31
N ARG B 64 10.94 12.99 -22.04
CA ARG B 64 11.09 14.42 -22.23
C ARG B 64 11.04 15.19 -20.92
N PHE B 65 10.19 14.73 -20.00
CA PHE B 65 10.02 15.38 -18.71
C PHE B 65 10.61 14.58 -17.55
N THR B 66 11.10 15.31 -16.56
CA THR B 66 11.72 14.79 -15.35
C THR B 66 11.08 15.48 -14.15
N ILE B 67 10.56 14.70 -13.20
CA ILE B 67 10.07 15.28 -11.95
C ILE B 67 11.17 15.07 -10.92
N SER B 68 11.35 16.04 -10.02
CA SER B 68 12.25 15.89 -8.89
C SER B 68 11.72 16.65 -7.67
N GLN B 69 12.33 16.36 -6.52
CA GLN B 69 11.88 16.82 -5.22
C GLN B 69 13.12 17.13 -4.39
N ASP B 70 13.33 18.41 -4.08
CA ASP B 70 14.42 18.81 -3.19
C ASP B 70 13.82 18.99 -1.79
N ASN B 71 14.21 18.12 -0.85
CA ASN B 71 13.60 18.15 0.47
C ASN B 71 14.02 19.35 1.32
N ALA B 72 15.23 19.87 1.13
CA ALA B 72 15.76 20.93 1.97
C ALA B 72 15.32 22.33 1.55
N LYS B 73 14.94 22.49 0.28
CA LYS B 73 14.26 23.68 -0.20
C LYS B 73 12.74 23.51 -0.12
N ASN B 74 12.31 22.29 0.22
CA ASN B 74 10.91 21.93 0.29
C ASN B 74 10.18 22.33 -0.99
N THR B 75 10.74 21.89 -2.12
CA THR B 75 10.31 22.31 -3.45
C THR B 75 10.25 21.13 -4.41
N LEU B 76 9.22 21.11 -5.26
CA LEU B 76 9.18 20.24 -6.42
C LEU B 76 9.55 20.94 -7.73
N TYR B 77 10.03 20.14 -8.69
CA TYR B 77 10.43 20.62 -9.99
C TYR B 77 9.85 19.74 -11.09
N LEU B 78 9.51 20.38 -12.21
CA LEU B 78 9.23 19.68 -13.46
C LEU B 78 10.16 20.22 -14.55
N GLN B 79 11.07 19.38 -15.02
CA GLN B 79 11.99 19.79 -16.06
C GLN B 79 11.37 19.31 -17.37
N MET B 80 11.13 20.24 -18.29
CA MET B 80 10.41 19.94 -19.52
C MET B 80 11.31 20.17 -20.73
N ASN B 81 11.69 19.08 -21.40
CA ASN B 81 12.55 19.17 -22.57
C ASN B 81 11.73 18.87 -23.82
N SER B 82 12.27 19.27 -24.98
CA SER B 82 11.68 18.97 -26.26
C SER B 82 10.21 19.34 -26.29
N LEU B 83 9.90 20.53 -25.78
CA LEU B 83 8.53 21.01 -25.71
C LEU B 83 7.91 21.05 -27.09
N LYS B 84 6.62 20.71 -27.14
CA LYS B 84 5.85 20.65 -28.37
C LYS B 84 4.58 21.46 -28.14
N PRO B 85 3.89 21.95 -29.21
CA PRO B 85 2.64 22.70 -29.03
C PRO B 85 1.62 22.01 -28.14
N GLU B 86 1.51 20.67 -28.27
CA GLU B 86 0.64 19.82 -27.47
C GLU B 86 0.84 19.98 -25.97
N ASP B 87 2.02 20.46 -25.56
CA ASP B 87 2.35 20.61 -24.16
C ASP B 87 1.80 21.91 -23.58
N THR B 88 1.19 22.74 -24.42
CA THR B 88 0.57 23.97 -23.97
C THR B 88 -0.54 23.59 -22.99
N ALA B 89 -0.51 24.18 -21.80
CA ALA B 89 -1.44 23.83 -20.73
C ALA B 89 -1.18 24.67 -19.50
N MET B 90 -2.16 24.72 -18.59
CA MET B 90 -1.94 25.15 -17.21
C MET B 90 -1.33 23.95 -16.49
N TYR B 91 -0.20 24.16 -15.80
CA TYR B 91 0.46 23.10 -15.06
C TYR B 91 0.21 23.27 -13.56
N TYR B 92 -0.12 22.16 -12.90
CA TYR B 92 -0.48 22.15 -11.50
C TYR B 92 0.34 21.14 -10.70
N CYS B 93 0.73 21.54 -9.48
CA CYS B 93 1.31 20.65 -8.48
C CYS B 93 0.22 20.19 -7.50
N ALA B 94 0.29 18.94 -7.02
CA ALA B 94 -0.66 18.41 -6.05
C ALA B 94 -0.07 17.47 -5.01
N ALA B 95 -0.76 17.36 -3.87
CA ALA B 95 -0.30 16.61 -2.72
C ALA B 95 -1.41 15.78 -2.08
N TYR B 96 -1.09 14.54 -1.72
CA TYR B 96 -1.97 13.64 -1.00
C TYR B 96 -1.18 13.04 0.15
N TRP B 97 -1.70 13.14 1.38
CA TRP B 97 -0.99 12.69 2.57
C TRP B 97 -0.64 11.20 2.55
N LYS B 98 0.62 10.90 2.89
CA LYS B 98 1.14 9.55 2.83
C LYS B 98 0.56 8.65 3.91
N GLY B 99 0.09 9.26 4.99
CA GLY B 99 -0.45 8.53 6.12
C GLY B 99 -1.76 7.77 5.84
N TYR B 100 -2.35 7.98 4.66
CA TYR B 100 -3.50 7.19 4.26
C TYR B 100 -3.15 5.88 3.56
N LYS B 101 -1.86 5.59 3.42
CA LYS B 101 -1.42 4.32 2.84
C LYS B 101 -2.09 4.07 1.50
N TYR B 102 -2.17 5.12 0.68
CA TYR B 102 -2.79 5.02 -0.62
C TYR B 102 -2.23 6.11 -1.52
N HIS B 103 -1.93 5.74 -2.77
CA HIS B 103 -1.43 6.66 -3.79
C HIS B 103 -2.45 6.72 -4.93
N PRO B 104 -3.13 7.88 -5.14
CA PRO B 104 -4.13 8.00 -6.20
C PRO B 104 -3.60 8.04 -7.63
N LYS B 105 -2.28 8.03 -7.78
CA LYS B 105 -1.63 8.17 -9.08
C LYS B 105 -2.17 9.39 -9.82
N PHE B 106 -2.89 9.20 -10.94
CA PHE B 106 -3.38 10.31 -11.74
C PHE B 106 -4.87 10.61 -11.57
N ASP B 107 -5.47 10.08 -10.51
CA ASP B 107 -6.82 10.45 -10.13
C ASP B 107 -6.82 11.81 -9.42
N ASP B 108 -7.01 12.89 -10.20
CA ASP B 108 -6.92 14.24 -9.68
C ASP B 108 -7.91 14.54 -8.56
N SER B 109 -9.08 13.90 -8.58
CA SER B 109 -10.13 14.23 -7.63
C SER B 109 -9.78 13.80 -6.21
N ALA B 110 -8.83 12.88 -6.06
CA ALA B 110 -8.42 12.40 -4.75
C ALA B 110 -7.44 13.31 -4.00
N TYR B 111 -6.70 14.16 -4.72
CA TYR B 111 -5.62 14.92 -4.11
C TYR B 111 -6.20 16.02 -3.22
N GLU B 112 -5.51 16.33 -2.11
CA GLU B 112 -6.07 17.23 -1.11
C GLU B 112 -5.65 18.68 -1.31
N TYR B 113 -4.41 18.90 -1.73
CA TYR B 113 -3.90 20.25 -1.90
C TYR B 113 -3.41 20.47 -3.32
N TRP B 114 -3.64 21.70 -3.80
CA TRP B 114 -3.28 22.16 -5.14
C TRP B 114 -2.60 23.52 -5.11
N GLY B 115 -1.67 23.72 -6.05
CA GLY B 115 -1.16 25.04 -6.34
C GLY B 115 -2.07 25.75 -7.35
N GLN B 116 -1.88 27.07 -7.48
CA GLN B 116 -2.61 27.92 -8.41
C GLN B 116 -2.33 27.59 -9.87
N GLY B 117 -1.20 26.94 -10.15
CA GLY B 117 -0.85 26.59 -11.51
C GLY B 117 -0.06 27.68 -12.23
N THR B 118 0.50 27.32 -13.39
CA THR B 118 1.23 28.26 -14.23
C THR B 118 1.03 27.89 -15.68
N GLN B 119 0.88 28.92 -16.52
CA GLN B 119 0.72 28.75 -17.94
C GLN B 119 2.07 28.40 -18.57
N VAL B 120 2.10 27.29 -19.33
CA VAL B 120 3.15 27.03 -20.28
C VAL B 120 2.55 27.11 -21.67
N THR B 121 3.13 27.99 -22.51
CA THR B 121 2.70 28.13 -23.89
C THR B 121 3.85 27.75 -24.80
N VAL B 122 3.64 26.77 -25.67
CA VAL B 122 4.66 26.35 -26.61
C VAL B 122 4.27 26.75 -28.03
N SER B 123 4.95 27.77 -28.56
CA SER B 123 4.71 28.22 -29.92
C SER B 123 5.59 27.45 -30.90
N SER B 124 4.97 26.95 -31.97
CA SER B 124 5.70 26.22 -33.00
C SER B 124 6.56 27.17 -33.87
#